data_4BDQ
#
_entry.id   4BDQ
#
_cell.length_a   95.753
_cell.length_b   105.585
_cell.length_c   114.608
_cell.angle_alpha   90.00
_cell.angle_beta   90.00
_cell.angle_gamma   90.00
#
_symmetry.space_group_name_H-M   'I 2 2 2'
#
loop_
_entity.id
_entity.type
_entity.pdbx_description
1 polymer 'GLUTAMATE RECEPTOR, IONOTROPIC KAINATE 2'
2 non-polymer 'GLUTAMIC ACID'
3 non-polymer 'SODIUM ION'
4 water water
#
_entity_poly.entity_id   1
_entity_poly.type   'polypeptide(L)'
_entity_poly.pdbx_seq_one_letter_code
;GSNRSLIVTTILEEPYVLFKKSDKPLYGNDRFEGYCIDLLRELSTILGFTYEIRLVEDGKYGAQDDVNGQWNGMVRELID
HKADLAVAPLAITYVREKVIDFSKPFMTLGISILYRKGTPIDSADDLAKQTKIEYGAVEDGATMTFFKKSKISTYDKMWA
FMSSRRQSVLVKSNEEGIQRVLTSDYAFLMESTTIEFVTQRNCNLTQIGGLIDSKGYGVGTPMGSPYADKITIAILQLQE
EGKLHMMKEKWWRGNGCPEPR
;
_entity_poly.pdbx_strand_id   A,B
#
loop_
_chem_comp.id
_chem_comp.type
_chem_comp.name
_chem_comp.formula
NA non-polymer 'SODIUM ION' 'Na 1'
#
# COMPACT_ATOMS: atom_id res chain seq x y z
N SER A 5 8.91 -28.23 -8.54
CA SER A 5 9.19 -27.35 -7.43
C SER A 5 9.76 -26.02 -7.92
N LEU A 6 9.53 -24.96 -7.15
CA LEU A 6 10.01 -23.63 -7.50
C LEU A 6 11.32 -23.31 -6.78
N ILE A 7 12.18 -22.53 -7.43
CA ILE A 7 13.38 -22.02 -6.78
C ILE A 7 13.06 -20.62 -6.30
N VAL A 8 13.32 -20.37 -5.02
CA VAL A 8 12.93 -19.09 -4.42
C VAL A 8 14.17 -18.35 -3.96
N THR A 9 14.42 -17.19 -4.56
CA THR A 9 15.57 -16.40 -4.15
C THR A 9 15.15 -15.47 -3.01
N THR A 10 16.09 -15.18 -2.12
CA THR A 10 15.79 -14.34 -0.98
C THR A 10 17.11 -13.78 -0.44
N ILE A 11 17.04 -13.02 0.65
CA ILE A 11 18.21 -12.35 1.19
C ILE A 11 18.07 -12.30 2.71
N LEU A 12 19.17 -12.36 3.45
CA LEU A 12 19.09 -12.26 4.90
C LEU A 12 18.79 -10.83 5.32
N GLU A 13 17.81 -10.66 6.20
CA GLU A 13 17.42 -9.33 6.64
C GLU A 13 16.42 -9.47 7.79
N GLU A 14 16.83 -9.11 9.01
CA GLU A 14 15.92 -9.21 10.16
C GLU A 14 14.81 -8.18 10.08
N PRO A 15 13.56 -8.57 10.41
CA PRO A 15 13.09 -9.89 10.85
C PRO A 15 12.38 -10.64 9.71
N TYR A 16 12.67 -10.29 8.46
CA TYR A 16 12.03 -10.92 7.31
C TYR A 16 12.60 -12.30 7.05
N VAL A 17 13.93 -12.42 7.15
CA VAL A 17 14.60 -13.68 6.84
C VAL A 17 15.86 -13.80 7.71
N LEU A 18 15.93 -14.88 8.48
CA LEU A 18 17.07 -15.12 9.38
C LEU A 18 17.55 -16.55 9.30
N PHE A 19 18.81 -16.76 9.63
CA PHE A 19 19.30 -18.11 9.93
C PHE A 19 18.74 -18.54 11.27
N LYS A 20 18.04 -19.66 11.29
CA LYS A 20 17.51 -20.19 12.54
C LYS A 20 18.69 -20.53 13.44
N LYS A 21 18.60 -20.16 14.72
CA LYS A 21 19.64 -20.51 15.69
C LYS A 21 19.52 -21.97 16.07
N SER A 22 20.65 -22.67 16.11
CA SER A 22 20.62 -24.10 16.38
C SER A 22 22.00 -24.66 16.74
N ASP A 23 22.00 -25.62 17.65
CA ASP A 23 23.21 -26.35 18.00
C ASP A 23 23.52 -27.36 16.91
N LYS A 24 22.51 -28.12 16.51
CA LYS A 24 22.63 -29.01 15.37
C LYS A 24 22.76 -28.18 14.10
N PRO A 25 23.53 -28.68 13.12
CA PRO A 25 23.53 -28.04 11.79
C PRO A 25 22.21 -28.35 11.10
N LEU A 26 21.60 -27.35 10.48
CA LEU A 26 20.34 -27.55 9.76
C LEU A 26 20.61 -27.58 8.26
N TYR A 27 19.72 -28.23 7.51
CA TYR A 27 19.91 -28.38 6.07
C TYR A 27 18.70 -27.89 5.26
N GLY A 28 18.95 -27.44 4.03
CA GLY A 28 17.89 -27.02 3.12
C GLY A 28 17.01 -25.92 3.67
N ASN A 29 15.71 -26.03 3.41
CA ASN A 29 14.76 -25.01 3.87
C ASN A 29 14.70 -24.83 5.40
N ASP A 30 15.12 -25.85 6.14
CA ASP A 30 15.09 -25.79 7.61
C ASP A 30 15.97 -24.69 8.17
N ARG A 31 16.93 -24.23 7.38
CA ARG A 31 17.90 -23.24 7.86
C ARG A 31 17.29 -21.87 8.11
N PHE A 32 16.13 -21.61 7.52
CA PHE A 32 15.58 -20.26 7.46
C PHE A 32 14.27 -20.07 8.23
N GLU A 33 14.11 -18.87 8.81
CA GLU A 33 12.84 -18.49 9.44
C GLU A 33 12.65 -16.97 9.28
N GLY A 34 11.44 -16.50 9.54
CA GLY A 34 11.18 -15.07 9.52
C GLY A 34 9.84 -14.72 8.91
N TYR A 35 9.49 -13.44 8.95
CA TYR A 35 8.22 -13.01 8.35
C TYR A 35 8.06 -13.50 6.91
N CYS A 36 9.13 -13.39 6.12
CA CYS A 36 9.03 -13.77 4.72
C CYS A 36 9.00 -15.29 4.53
N ILE A 37 9.62 -16.03 5.43
CA ILE A 37 9.52 -17.48 5.39
C ILE A 37 8.11 -17.96 5.77
N ASP A 38 7.47 -17.32 6.75
CA ASP A 38 6.06 -17.63 7.03
C ASP A 38 5.17 -17.28 5.82
N LEU A 39 5.44 -16.12 5.20
CA LEU A 39 4.67 -15.73 4.02
C LEU A 39 4.80 -16.83 2.96
N LEU A 40 6.03 -17.24 2.69
CA LEU A 40 6.31 -18.26 1.69
C LEU A 40 5.57 -19.54 2.00
N ARG A 41 5.61 -19.97 3.27
CA ARG A 41 4.89 -21.16 3.67
C ARG A 41 3.38 -21.04 3.44
N GLU A 42 2.81 -19.88 3.77
CA GLU A 42 1.38 -19.68 3.57
C GLU A 42 1.01 -19.70 2.08
N LEU A 43 1.87 -19.12 1.24
CA LEU A 43 1.64 -19.07 -0.19
C LEU A 43 1.73 -20.48 -0.79
N SER A 44 2.70 -21.25 -0.33
CA SER A 44 2.88 -22.63 -0.76
C SER A 44 1.63 -23.49 -0.49
N THR A 45 0.96 -23.23 0.64
CA THR A 45 -0.25 -23.95 1.02
C THR A 45 -1.42 -23.59 0.11
N ILE A 46 -1.63 -22.30 -0.07
CA ILE A 46 -2.70 -21.80 -0.90
C ILE A 46 -2.55 -22.20 -2.37
N LEU A 47 -1.33 -22.13 -2.88
CA LEU A 47 -1.12 -22.33 -4.31
C LEU A 47 -0.70 -23.77 -4.65
N GLY A 48 -0.25 -24.50 -3.64
CA GLY A 48 0.03 -25.92 -3.81
C GLY A 48 1.35 -26.22 -4.50
N PHE A 49 2.37 -25.43 -4.22
CA PHE A 49 3.69 -25.70 -4.78
C PHE A 49 4.70 -26.08 -3.69
N THR A 50 5.76 -26.77 -4.09
CA THR A 50 6.89 -27.02 -3.19
C THR A 50 8.01 -26.12 -3.65
N TYR A 51 9.09 -26.03 -2.87
CA TYR A 51 10.11 -25.04 -3.19
C TYR A 51 11.46 -25.27 -2.51
N GLU A 52 12.49 -24.68 -3.11
CA GLU A 52 13.82 -24.64 -2.52
C GLU A 52 14.24 -23.19 -2.34
N ILE A 53 14.59 -22.82 -1.10
CA ILE A 53 15.07 -21.48 -0.81
C ILE A 53 16.56 -21.40 -1.10
N ARG A 54 16.99 -20.38 -1.85
CA ARG A 54 18.40 -20.10 -2.08
C ARG A 54 18.68 -18.63 -1.86
N LEU A 55 19.67 -18.32 -1.03
CA LEU A 55 20.05 -16.93 -0.81
C LEU A 55 20.73 -16.40 -2.06
N VAL A 56 20.40 -15.16 -2.43
CA VAL A 56 21.02 -14.55 -3.59
C VAL A 56 22.53 -14.48 -3.39
N GLU A 57 23.28 -15.06 -4.32
CA GLU A 57 24.72 -15.20 -4.19
C GLU A 57 25.46 -13.88 -3.94
N ASP A 58 25.10 -12.81 -4.66
CA ASP A 58 25.82 -11.54 -4.51
C ASP A 58 25.33 -10.68 -3.35
N GLY A 59 24.32 -11.16 -2.64
CA GLY A 59 23.84 -10.47 -1.46
C GLY A 59 23.20 -9.11 -1.71
N LYS A 60 22.68 -8.90 -2.92
CA LYS A 60 22.09 -7.63 -3.28
C LYS A 60 20.59 -7.75 -3.55
N TYR A 61 19.87 -6.64 -3.34
CA TYR A 61 18.46 -6.55 -3.72
C TYR A 61 18.27 -6.47 -5.24
N GLY A 62 18.85 -5.48 -5.86
CA GLY A 62 18.80 -5.39 -7.31
C GLY A 62 18.81 -3.96 -7.80
N ALA A 63 19.83 -3.62 -8.59
CA ALA A 63 19.94 -2.32 -9.22
C ALA A 63 20.62 -2.45 -10.59
N GLN A 64 20.39 -1.46 -11.45
CA GLN A 64 20.99 -1.49 -12.78
C GLN A 64 22.22 -0.59 -12.86
N ASP A 65 23.30 -1.13 -13.39
CA ASP A 65 24.52 -0.34 -13.64
C ASP A 65 24.21 0.74 -14.66
N ASP A 66 24.45 2.01 -14.30
CA ASP A 66 24.01 3.08 -15.17
C ASP A 66 24.97 3.34 -16.34
N VAL A 67 26.01 2.52 -16.44
CA VAL A 67 26.93 2.61 -17.56
C VAL A 67 26.74 1.45 -18.54
N ASN A 68 26.66 0.22 -18.04
CA ASN A 68 26.57 -0.95 -18.90
C ASN A 68 25.25 -1.69 -18.88
N GLY A 69 24.25 -1.15 -18.21
CA GLY A 69 22.89 -1.68 -18.25
C GLY A 69 22.62 -2.96 -17.47
N GLN A 70 23.66 -3.54 -16.88
CA GLN A 70 23.52 -4.83 -16.19
C GLN A 70 22.83 -4.69 -14.83
N TRP A 71 21.97 -5.65 -14.50
CA TRP A 71 21.33 -5.71 -13.19
C TRP A 71 22.09 -6.68 -12.31
N ASN A 72 21.89 -6.57 -11.00
CA ASN A 72 22.43 -7.53 -10.05
C ASN A 72 21.37 -7.94 -9.03
N GLY A 73 21.79 -8.68 -8.00
CA GLY A 73 20.89 -9.02 -6.91
C GLY A 73 19.75 -9.95 -7.28
N MET A 74 18.68 -9.94 -6.49
CA MET A 74 17.52 -10.79 -6.75
C MET A 74 16.82 -10.44 -8.06
N VAL A 75 16.79 -9.16 -8.41
CA VAL A 75 16.19 -8.76 -9.68
C VAL A 75 16.87 -9.51 -10.83
N ARG A 76 18.20 -9.57 -10.80
CA ARG A 76 18.96 -10.26 -11.84
C ARG A 76 18.63 -11.75 -11.92
N GLU A 77 18.53 -12.40 -10.75
CA GLU A 77 18.17 -13.81 -10.73
C GLU A 77 16.86 -14.04 -11.47
N LEU A 78 15.88 -13.17 -11.24
CA LEU A 78 14.59 -13.28 -11.89
C LEU A 78 14.69 -13.01 -13.40
N ILE A 79 15.38 -11.93 -13.77
CA ILE A 79 15.60 -11.62 -15.18
C ILE A 79 16.21 -12.80 -15.92
N ASP A 80 17.28 -13.35 -15.35
CA ASP A 80 17.97 -14.48 -15.94
C ASP A 80 17.15 -15.77 -15.87
N HIS A 81 16.01 -15.72 -15.21
CA HIS A 81 15.20 -16.93 -15.03
C HIS A 81 15.90 -18.00 -14.21
N LYS A 82 16.74 -17.56 -13.26
CA LYS A 82 17.43 -18.48 -12.36
C LYS A 82 16.58 -18.81 -11.14
N ALA A 83 15.56 -17.99 -10.88
CA ALA A 83 14.63 -18.24 -9.77
C ALA A 83 13.20 -18.03 -10.26
N ASP A 84 12.25 -18.73 -9.68
CA ASP A 84 10.86 -18.53 -10.03
C ASP A 84 10.23 -17.38 -9.22
N LEU A 85 10.62 -17.26 -7.97
CA LEU A 85 10.09 -16.23 -7.08
C LEU A 85 11.22 -15.57 -6.32
N ALA A 86 11.00 -14.32 -5.96
CA ALA A 86 11.83 -13.65 -4.97
C ALA A 86 10.91 -13.28 -3.81
N VAL A 87 11.08 -13.96 -2.68
CA VAL A 87 10.25 -13.67 -1.51
C VAL A 87 11.13 -13.03 -0.46
N ALA A 88 10.95 -11.72 -0.29
CA ALA A 88 11.87 -10.91 0.49
C ALA A 88 11.27 -9.51 0.67
N PRO A 89 11.91 -8.66 1.50
CA PRO A 89 11.40 -7.28 1.56
C PRO A 89 11.88 -6.51 0.33
N LEU A 90 11.33 -6.86 -0.82
CA LEU A 90 11.74 -6.30 -2.11
C LEU A 90 10.79 -5.21 -2.57
N ALA A 91 11.28 -3.97 -2.63
CA ALA A 91 10.44 -2.84 -2.98
C ALA A 91 9.97 -2.87 -4.43
N ILE A 92 8.67 -2.67 -4.62
CA ILE A 92 8.07 -2.50 -5.94
C ILE A 92 8.41 -1.09 -6.43
N THR A 93 9.18 -1.00 -7.52
CA THR A 93 9.64 0.30 -7.98
C THR A 93 9.48 0.45 -9.49
N TYR A 94 9.43 1.70 -9.92
CA TYR A 94 9.29 2.02 -11.34
C TYR A 94 10.32 1.28 -12.20
N VAL A 95 11.60 1.40 -11.88
CA VAL A 95 12.60 0.77 -12.73
C VAL A 95 12.53 -0.75 -12.73
N ARG A 96 12.16 -1.34 -11.60
CA ARG A 96 12.14 -2.79 -11.49
C ARG A 96 10.95 -3.39 -12.21
N GLU A 97 9.80 -2.72 -12.07
CA GLU A 97 8.58 -3.11 -12.74
C GLU A 97 8.75 -3.12 -14.26
N LYS A 98 9.70 -2.37 -14.78
CA LYS A 98 9.97 -2.43 -16.21
C LYS A 98 10.70 -3.69 -16.69
N VAL A 99 11.28 -4.46 -15.77
CA VAL A 99 12.11 -5.62 -16.16
C VAL A 99 11.67 -6.96 -15.54
N ILE A 100 10.95 -6.88 -14.43
CA ILE A 100 10.39 -8.09 -13.80
C ILE A 100 8.94 -7.79 -13.39
N ASP A 101 8.19 -8.81 -12.97
CA ASP A 101 6.83 -8.58 -12.47
C ASP A 101 6.76 -8.70 -10.92
N PHE A 102 5.68 -8.20 -10.33
CA PHE A 102 5.52 -8.24 -8.88
C PHE A 102 4.08 -8.60 -8.54
N SER A 103 3.87 -9.32 -7.44
CA SER A 103 2.53 -9.42 -6.86
C SER A 103 2.17 -8.03 -6.34
N LYS A 104 0.90 -7.79 -6.10
CA LYS A 104 0.52 -6.61 -5.34
C LYS A 104 1.15 -6.71 -3.95
N PRO A 105 1.25 -5.58 -3.22
CA PRO A 105 1.99 -5.45 -1.96
C PRO A 105 1.46 -6.32 -0.81
N PHE A 106 2.35 -7.01 -0.12
CA PHE A 106 1.99 -7.65 1.14
C PHE A 106 2.33 -6.74 2.34
N MET A 107 3.00 -5.62 2.07
CA MET A 107 3.37 -4.68 3.13
C MET A 107 3.59 -3.31 2.49
N THR A 108 3.22 -2.26 3.21
CA THR A 108 3.36 -0.90 2.66
C THR A 108 4.20 -0.06 3.62
N LEU A 109 5.00 0.86 3.07
CA LEU A 109 6.03 1.51 3.88
C LEU A 109 6.54 2.76 3.17
N GLY A 110 7.59 3.37 3.73
CA GLY A 110 8.20 4.52 3.07
C GLY A 110 9.61 4.72 3.57
N ILE A 111 10.39 5.49 2.83
CA ILE A 111 11.72 5.88 3.29
C ILE A 111 11.55 6.85 4.45
N SER A 112 12.36 6.66 5.49
CA SER A 112 12.43 7.62 6.58
C SER A 112 13.84 7.65 7.14
N ILE A 113 14.02 8.29 8.29
CA ILE A 113 15.32 8.48 8.92
C ILE A 113 15.45 7.81 10.30
N LEU A 114 16.49 6.99 10.46
CA LEU A 114 16.84 6.43 11.75
C LEU A 114 17.98 7.22 12.38
N TYR A 115 17.79 7.68 13.61
CA TYR A 115 18.80 8.49 14.26
C TYR A 115 18.65 8.38 15.78
N ARG A 116 19.55 9.03 16.52
CA ARG A 116 19.44 9.01 17.98
C ARG A 116 18.32 9.94 18.42
N LYS A 117 17.87 9.75 19.66
CA LYS A 117 16.85 10.60 20.26
C LYS A 117 17.47 11.86 20.85
N GLY A 118 16.65 12.88 21.05
CA GLY A 118 17.04 14.05 21.82
C GLY A 118 17.74 15.18 21.08
N THR A 119 17.77 15.10 19.75
CA THR A 119 18.45 16.13 18.96
C THR A 119 17.43 17.08 18.32
N PRO A 120 17.93 18.19 17.75
CA PRO A 120 17.07 19.14 17.05
C PRO A 120 16.77 18.74 15.61
N ILE A 121 17.44 17.69 15.11
CA ILE A 121 17.20 17.22 13.76
C ILE A 121 15.77 16.69 13.63
N ASP A 122 14.97 17.32 12.77
CA ASP A 122 13.56 16.98 12.70
C ASP A 122 13.06 16.56 11.31
N SER A 123 13.93 16.65 10.31
CA SER A 123 13.50 16.36 8.94
C SER A 123 14.70 16.06 8.05
N ALA A 124 14.44 15.57 6.85
CA ALA A 124 15.50 15.40 5.85
C ALA A 124 16.16 16.73 5.52
N ASP A 125 15.38 17.81 5.48
CA ASP A 125 15.94 19.12 5.18
C ASP A 125 17.01 19.52 6.20
N ASP A 126 16.77 19.18 7.47
CA ASP A 126 17.73 19.49 8.53
C ASP A 126 19.05 18.78 8.31
N LEU A 127 19.00 17.54 7.82
CA LEU A 127 20.21 16.82 7.48
C LEU A 127 20.90 17.44 6.27
N ALA A 128 20.11 17.73 5.24
CA ALA A 128 20.67 18.22 3.98
C ALA A 128 21.44 19.53 4.11
N LYS A 129 21.06 20.36 5.08
CA LYS A 129 21.62 21.71 5.17
C LYS A 129 22.84 21.79 6.09
N GLN A 130 23.41 20.63 6.41
CA GLN A 130 24.60 20.59 7.26
C GLN A 130 25.48 19.41 6.83
N THR A 131 26.66 19.32 7.43
CA THR A 131 27.63 18.29 7.05
C THR A 131 28.23 17.55 8.24
N LYS A 132 28.13 18.15 9.43
CA LYS A 132 28.71 17.55 10.64
C LYS A 132 28.14 16.15 10.90
N ILE A 133 26.84 16.00 10.72
CA ILE A 133 26.20 14.70 10.88
C ILE A 133 26.18 14.00 9.53
N GLU A 134 26.95 12.93 9.40
CA GLU A 134 26.95 12.20 8.13
C GLU A 134 25.66 11.39 7.98
N TYR A 135 25.23 11.15 6.75
CA TYR A 135 24.07 10.31 6.51
C TYR A 135 24.25 9.47 5.25
N GLY A 136 23.54 8.36 5.16
CA GLY A 136 23.68 7.46 4.03
C GLY A 136 22.56 6.43 3.98
N ALA A 137 22.79 5.38 3.19
CA ALA A 137 21.76 4.38 2.92
C ALA A 137 22.43 3.09 2.46
N VAL A 138 21.63 2.05 2.27
CA VAL A 138 22.13 0.80 1.71
C VAL A 138 22.53 1.01 0.25
N GLU A 139 23.72 0.57 -0.12
CA GLU A 139 24.18 0.75 -1.49
C GLU A 139 23.39 -0.11 -2.44
N ASP A 140 22.96 0.47 -3.58
CA ASP A 140 22.27 -0.29 -4.61
C ASP A 140 20.92 -0.83 -4.18
N GLY A 141 20.26 -0.11 -3.28
CA GLY A 141 18.90 -0.45 -2.89
C GLY A 141 17.92 0.57 -3.41
N ALA A 142 16.64 0.35 -3.16
CA ALA A 142 15.60 1.26 -3.62
C ALA A 142 15.73 2.62 -2.96
N THR A 143 16.23 2.65 -1.74
CA THR A 143 16.33 3.92 -1.02
C THR A 143 17.37 4.80 -1.70
N MET A 144 18.55 4.25 -1.96
CA MET A 144 19.58 5.02 -2.61
C MET A 144 19.13 5.47 -3.99
N THR A 145 18.43 4.59 -4.69
CA THR A 145 17.99 4.88 -6.05
C THR A 145 16.96 6.00 -6.07
N PHE A 146 16.14 6.08 -5.03
CA PHE A 146 15.18 7.18 -4.93
C PHE A 146 15.93 8.53 -4.90
N PHE A 147 16.98 8.60 -4.10
CA PHE A 147 17.74 9.85 -4.01
C PHE A 147 18.48 10.14 -5.30
N LYS A 148 19.05 9.11 -5.89
CA LYS A 148 19.83 9.26 -7.11
C LYS A 148 19.02 9.87 -8.24
N LYS A 149 17.71 9.65 -8.26
CA LYS A 149 16.89 10.06 -9.40
C LYS A 149 15.99 11.26 -9.12
N SER A 150 15.79 11.60 -7.86
CA SER A 150 14.82 12.64 -7.47
C SER A 150 15.16 14.02 -8.02
N LYS A 151 14.13 14.74 -8.46
CA LYS A 151 14.28 16.13 -8.92
C LYS A 151 14.04 17.12 -7.78
N ILE A 152 13.56 16.61 -6.65
CA ILE A 152 13.33 17.46 -5.48
C ILE A 152 14.66 18.01 -4.96
N SER A 153 14.77 19.33 -4.83
CA SER A 153 16.05 19.94 -4.50
C SER A 153 16.73 19.34 -3.27
N THR A 154 15.97 19.18 -2.19
CA THR A 154 16.51 18.64 -0.95
C THR A 154 17.10 17.24 -1.16
N TYR A 155 16.40 16.42 -1.93
CA TYR A 155 16.85 15.04 -2.12
C TYR A 155 18.01 14.97 -3.13
N ASP A 156 17.95 15.81 -4.15
CA ASP A 156 19.07 15.94 -5.10
C ASP A 156 20.35 16.33 -4.34
N LYS A 157 20.22 17.30 -3.44
CA LYS A 157 21.36 17.72 -2.61
C LYS A 157 21.86 16.58 -1.72
N MET A 158 20.95 15.82 -1.12
CA MET A 158 21.37 14.69 -0.28
C MET A 158 22.09 13.64 -1.12
N TRP A 159 21.61 13.42 -2.34
CA TRP A 159 22.32 12.52 -3.26
C TRP A 159 23.74 13.01 -3.58
N ALA A 160 23.89 14.31 -3.86
CA ALA A 160 25.23 14.84 -4.13
C ALA A 160 26.15 14.59 -2.93
N PHE A 161 25.59 14.70 -1.73
CA PHE A 161 26.38 14.46 -0.53
C PHE A 161 26.79 12.98 -0.44
N MET A 162 25.82 12.10 -0.64
CA MET A 162 26.06 10.66 -0.49
C MET A 162 26.96 10.10 -1.56
N SER A 163 26.72 10.49 -2.80
CA SER A 163 27.48 9.93 -3.92
C SER A 163 28.94 10.36 -3.85
N SER A 164 29.18 11.59 -3.40
CA SER A 164 30.56 12.08 -3.30
C SER A 164 31.29 11.46 -2.11
N ARG A 165 30.53 10.83 -1.21
CA ARG A 165 31.14 10.17 -0.06
C ARG A 165 30.81 8.68 -0.04
N ARG A 166 30.69 8.09 -1.23
CA ARG A 166 30.22 6.71 -1.36
C ARG A 166 30.90 5.77 -0.39
N GLN A 167 32.23 5.78 -0.39
CA GLN A 167 33.04 4.83 0.40
C GLN A 167 32.78 4.90 1.90
N SER A 168 32.58 6.11 2.42
CA SER A 168 32.35 6.25 3.86
C SER A 168 30.88 6.08 4.29
N VAL A 169 29.94 6.65 3.53
CA VAL A 169 28.55 6.74 4.04
C VAL A 169 27.51 5.77 3.51
N LEU A 170 27.79 5.11 2.38
CA LEU A 170 26.89 4.06 1.92
C LEU A 170 27.33 2.72 2.50
N VAL A 171 26.39 1.88 2.91
CA VAL A 171 26.73 0.64 3.60
C VAL A 171 26.24 -0.58 2.83
N LYS A 172 26.72 -1.75 3.24
CA LYS A 172 26.34 -2.99 2.55
C LYS A 172 24.98 -3.54 2.96
N SER A 173 24.50 -3.16 4.14
CA SER A 173 23.26 -3.76 4.66
C SER A 173 22.62 -2.86 5.72
N ASN A 174 21.33 -3.05 5.98
CA ASN A 174 20.69 -2.35 7.09
C ASN A 174 21.47 -2.53 8.39
N GLU A 175 21.93 -3.75 8.62
CA GLU A 175 22.62 -4.08 9.86
C GLU A 175 23.82 -3.16 10.07
N GLU A 176 24.62 -3.00 9.02
CA GLU A 176 25.80 -2.15 9.07
C GLU A 176 25.40 -0.70 9.31
N GLY A 177 24.31 -0.27 8.69
CA GLY A 177 23.83 1.09 8.87
C GLY A 177 23.36 1.32 10.29
N ILE A 178 22.65 0.35 10.85
CA ILE A 178 22.19 0.45 12.23
C ILE A 178 23.36 0.56 13.20
N GLN A 179 24.39 -0.24 12.98
CA GLN A 179 25.57 -0.18 13.85
C GLN A 179 26.25 1.19 13.78
N ARG A 180 26.23 1.78 12.60
CA ARG A 180 26.86 3.07 12.40
C ARG A 180 26.11 4.18 13.16
N VAL A 181 24.78 4.11 13.15
CA VAL A 181 23.97 5.06 13.94
C VAL A 181 24.33 4.92 15.43
N LEU A 182 24.46 3.68 15.89
CA LEU A 182 24.71 3.40 17.29
C LEU A 182 26.11 3.79 17.79
N THR A 183 27.08 3.87 16.88
CA THR A 183 28.47 4.00 17.30
C THR A 183 29.12 5.29 16.82
N SER A 184 28.41 6.08 16.03
CA SER A 184 28.97 7.30 15.47
C SER A 184 27.86 8.32 15.21
N ASP A 185 28.25 9.57 14.92
CA ASP A 185 27.28 10.60 14.60
C ASP A 185 26.79 10.47 13.15
N TYR A 186 25.75 9.68 12.96
CA TYR A 186 25.35 9.25 11.64
C TYR A 186 23.86 8.99 11.66
N ALA A 187 23.17 9.46 10.62
CA ALA A 187 21.75 9.19 10.45
C ALA A 187 21.59 8.29 9.23
N PHE A 188 20.72 7.28 9.34
CA PHE A 188 20.61 6.26 8.30
C PHE A 188 19.24 6.34 7.59
N LEU A 189 19.26 6.48 6.27
CA LEU A 189 18.04 6.52 5.46
C LEU A 189 17.64 5.09 5.16
N MET A 190 16.46 4.69 5.63
CA MET A 190 16.05 3.30 5.51
C MET A 190 14.55 3.17 5.58
N GLU A 191 14.06 1.97 5.29
CA GLU A 191 12.63 1.77 5.14
C GLU A 191 11.90 1.72 6.50
N SER A 192 10.71 2.32 6.56
CA SER A 192 10.01 2.56 7.82
C SER A 192 9.60 1.31 8.61
N THR A 193 9.20 0.26 7.90
CA THR A 193 8.87 -1.01 8.55
C THR A 193 10.08 -1.54 9.29
N THR A 194 11.24 -1.48 8.65
CA THR A 194 12.48 -1.91 9.29
C THR A 194 12.90 -1.00 10.45
N ILE A 195 12.68 0.31 10.31
CA ILE A 195 12.95 1.25 11.40
C ILE A 195 12.12 0.90 12.63
N GLU A 196 10.84 0.56 12.40
CA GLU A 196 9.94 0.15 13.47
C GLU A 196 10.50 -1.02 14.27
N PHE A 197 11.14 -1.95 13.58
CA PHE A 197 11.65 -3.14 14.25
C PHE A 197 12.83 -2.73 15.12
N VAL A 198 13.64 -1.84 14.57
CA VAL A 198 14.84 -1.38 15.25
C VAL A 198 14.53 -0.54 16.48
N THR A 199 13.59 0.38 16.35
CA THR A 199 13.29 1.31 17.44
C THR A 199 12.57 0.60 18.57
N GLN A 200 11.96 -0.55 18.28
CA GLN A 200 11.34 -1.35 19.33
C GLN A 200 12.38 -2.11 20.16
N ARG A 201 13.58 -2.25 19.61
CA ARG A 201 14.63 -3.00 20.31
C ARG A 201 15.70 -2.07 20.87
N ASN A 202 15.73 -0.83 20.39
CA ASN A 202 16.77 0.12 20.78
C ASN A 202 16.12 1.43 21.22
N CYS A 203 15.99 1.59 22.53
CA CYS A 203 15.21 2.70 23.07
C CYS A 203 15.89 4.06 22.98
N ASN A 204 17.17 4.06 22.58
CA ASN A 204 17.86 5.32 22.34
C ASN A 204 17.75 5.82 20.88
N LEU A 205 17.17 4.99 20.01
CA LEU A 205 16.98 5.37 18.61
C LEU A 205 15.53 5.72 18.32
N THR A 206 15.31 6.45 17.23
CA THR A 206 13.99 6.93 16.89
C THR A 206 13.88 7.20 15.39
N GLN A 207 12.67 7.18 14.86
CA GLN A 207 12.44 7.66 13.51
C GLN A 207 12.45 9.19 13.54
N ILE A 208 13.10 9.82 12.57
CA ILE A 208 13.09 11.27 12.45
C ILE A 208 12.19 11.70 11.29
N GLY A 209 11.23 12.58 11.56
CA GLY A 209 10.38 13.09 10.49
C GLY A 209 9.37 12.03 10.08
N GLY A 210 8.70 12.24 8.96
CA GLY A 210 7.71 11.28 8.52
C GLY A 210 8.25 10.40 7.41
N LEU A 211 7.34 9.81 6.64
CA LEU A 211 7.72 9.09 5.44
C LEU A 211 8.03 10.08 4.34
N ILE A 212 9.08 9.79 3.59
CA ILE A 212 9.55 10.66 2.51
C ILE A 212 8.90 10.24 1.20
N ASP A 213 8.50 8.97 1.13
CA ASP A 213 7.73 8.46 0.01
C ASP A 213 6.76 7.36 0.46
N SER A 214 6.23 6.61 -0.50
CA SER A 214 5.37 5.49 -0.19
C SER A 214 5.61 4.38 -1.21
N LYS A 215 5.79 3.14 -0.73
CA LYS A 215 5.94 2.01 -1.64
C LYS A 215 5.53 0.74 -0.93
N GLY A 216 5.43 -0.35 -1.68
CA GLY A 216 5.06 -1.63 -1.10
C GLY A 216 6.13 -2.67 -1.37
N TYR A 217 6.14 -3.73 -0.55
CA TYR A 217 6.94 -4.91 -0.83
C TYR A 217 6.07 -5.91 -1.57
N GLY A 218 6.61 -6.53 -2.61
CA GLY A 218 5.88 -7.55 -3.33
C GLY A 218 6.74 -8.75 -3.65
N VAL A 219 6.09 -9.88 -3.93
CA VAL A 219 6.84 -11.05 -4.41
C VAL A 219 7.21 -10.83 -5.87
N GLY A 220 8.51 -10.92 -6.17
CA GLY A 220 9.00 -10.72 -7.53
C GLY A 220 8.95 -11.98 -8.35
N THR A 221 8.65 -11.84 -9.65
CA THR A 221 8.71 -12.97 -10.58
C THR A 221 9.34 -12.48 -11.89
N PRO A 222 9.78 -13.42 -12.75
CA PRO A 222 10.20 -13.03 -14.09
C PRO A 222 9.04 -12.34 -14.78
N MET A 223 9.33 -11.40 -15.67
CA MET A 223 8.26 -10.71 -16.38
C MET A 223 7.43 -11.72 -17.14
N GLY A 224 6.11 -11.59 -17.07
CA GLY A 224 5.22 -12.52 -17.74
C GLY A 224 4.81 -13.78 -16.98
N SER A 225 5.44 -14.05 -15.84
CA SER A 225 5.12 -15.24 -15.06
C SER A 225 3.66 -15.26 -14.62
N PRO A 226 3.00 -16.42 -14.75
CA PRO A 226 1.64 -16.62 -14.24
C PRO A 226 1.58 -16.51 -12.72
N TYR A 227 2.70 -16.69 -12.04
CA TYR A 227 2.68 -16.63 -10.58
C TYR A 227 2.41 -15.25 -10.01
N ALA A 228 2.66 -14.19 -10.77
CA ALA A 228 2.45 -12.86 -10.21
C ALA A 228 0.98 -12.63 -9.81
N ASP A 229 0.06 -12.90 -10.74
CA ASP A 229 -1.37 -12.75 -10.46
C ASP A 229 -1.89 -13.77 -9.45
N LYS A 230 -1.36 -14.99 -9.50
CA LYS A 230 -1.78 -16.02 -8.58
C LYS A 230 -1.39 -15.62 -7.16
N ILE A 231 -0.20 -15.05 -7.01
CA ILE A 231 0.25 -14.65 -5.68
C ILE A 231 -0.47 -13.41 -5.15
N THR A 232 -0.82 -12.50 -6.05
CA THR A 232 -1.66 -11.36 -5.69
C THR A 232 -2.94 -11.85 -4.99
N ILE A 233 -3.62 -12.79 -5.63
CA ILE A 233 -4.86 -13.33 -5.09
C ILE A 233 -4.66 -14.03 -3.73
N ALA A 234 -3.57 -14.77 -3.60
CA ALA A 234 -3.26 -15.41 -2.33
C ALA A 234 -2.93 -14.39 -1.23
N ILE A 235 -2.23 -13.31 -1.60
CA ILE A 235 -1.93 -12.25 -0.64
C ILE A 235 -3.23 -11.57 -0.18
N LEU A 236 -4.13 -11.34 -1.13
CA LEU A 236 -5.39 -10.69 -0.79
C LEU A 236 -6.16 -11.56 0.19
N GLN A 237 -6.13 -12.87 -0.03
CA GLN A 237 -6.80 -13.80 0.86
C GLN A 237 -6.20 -13.71 2.25
N LEU A 238 -4.86 -13.73 2.33
CA LEU A 238 -4.18 -13.68 3.62
C LEU A 238 -4.45 -12.38 4.37
N GLN A 239 -4.54 -11.28 3.62
CA GLN A 239 -4.82 -9.98 4.24
C GLN A 239 -6.23 -10.00 4.83
N GLU A 240 -7.19 -10.40 4.00
CA GLU A 240 -8.59 -10.29 4.37
C GLU A 240 -8.97 -11.19 5.53
N GLU A 241 -8.24 -12.27 5.75
CA GLU A 241 -8.58 -13.14 6.86
C GLU A 241 -7.77 -12.84 8.11
N GLY A 242 -6.93 -11.80 8.02
CA GLY A 242 -6.22 -11.29 9.18
C GLY A 242 -4.80 -11.82 9.38
N LYS A 243 -4.36 -12.71 8.50
CA LYS A 243 -3.09 -13.41 8.69
C LYS A 243 -1.86 -12.54 8.49
N LEU A 244 -1.88 -11.63 7.51
CA LEU A 244 -0.74 -10.73 7.31
C LEU A 244 -0.49 -9.87 8.55
N HIS A 245 -1.57 -9.42 9.19
CA HIS A 245 -1.42 -8.62 10.40
C HIS A 245 -0.81 -9.46 11.54
N MET A 246 -1.30 -10.68 11.70
CA MET A 246 -0.78 -11.60 12.70
C MET A 246 0.70 -11.93 12.44
N MET A 247 1.05 -12.11 11.17
CA MET A 247 2.44 -12.36 10.79
C MET A 247 3.34 -11.19 11.18
N LYS A 248 2.88 -9.97 10.93
CA LYS A 248 3.69 -8.81 11.30
C LYS A 248 3.88 -8.74 12.80
N GLU A 249 2.79 -8.96 13.54
CA GLU A 249 2.85 -8.90 15.01
C GLU A 249 3.83 -9.92 15.57
N LYS A 250 3.82 -11.12 14.99
CA LYS A 250 4.70 -12.20 15.44
C LYS A 250 6.19 -11.80 15.36
N TRP A 251 6.57 -11.17 14.25
CA TRP A 251 7.98 -10.94 13.98
C TRP A 251 8.48 -9.57 14.41
N TRP A 252 7.57 -8.66 14.67
CA TRP A 252 7.97 -7.32 15.11
C TRP A 252 7.95 -7.19 16.63
N ARG A 253 7.02 -7.90 17.27
CA ARG A 253 6.91 -7.90 18.73
C ARG A 253 6.69 -6.50 19.27
N CYS A 257 10.22 -1.27 25.49
CA CYS A 257 10.44 0.16 25.41
C CYS A 257 9.42 0.98 26.20
N SER B 5 -10.03 6.47 -27.89
CA SER B 5 -10.42 7.28 -26.73
C SER B 5 -11.08 6.42 -25.64
N LEU B 6 -10.53 6.44 -24.44
CA LEU B 6 -10.97 5.52 -23.39
C LEU B 6 -12.23 5.99 -22.67
N ILE B 7 -13.13 5.05 -22.39
CA ILE B 7 -14.27 5.33 -21.53
C ILE B 7 -13.88 5.07 -20.09
N VAL B 8 -13.95 6.10 -19.26
CA VAL B 8 -13.54 5.98 -17.87
C VAL B 8 -14.76 6.09 -16.97
N THR B 9 -15.08 5.03 -16.24
CA THR B 9 -16.20 5.08 -15.30
C THR B 9 -15.70 5.57 -13.95
N THR B 10 -16.53 6.30 -13.22
CA THR B 10 -16.15 6.83 -11.93
C THR B 10 -17.39 7.10 -11.12
N ILE B 11 -17.21 7.63 -9.92
CA ILE B 11 -18.35 7.85 -9.02
C ILE B 11 -18.14 9.13 -8.23
N LEU B 12 -19.22 9.84 -7.91
CA LEU B 12 -19.09 11.03 -7.07
C LEU B 12 -18.69 10.67 -5.64
N GLU B 13 -17.63 11.31 -5.14
CA GLU B 13 -17.13 11.02 -3.80
C GLU B 13 -16.06 12.03 -3.39
N GLU B 14 -16.40 12.96 -2.51
CA GLU B 14 -15.42 13.95 -2.06
C GLU B 14 -14.29 13.28 -1.28
N PRO B 15 -13.04 13.72 -1.48
CA PRO B 15 -12.57 14.76 -2.39
C PRO B 15 -11.91 14.13 -3.62
N TYR B 16 -12.27 12.88 -3.90
CA TYR B 16 -11.76 12.15 -5.06
C TYR B 16 -12.37 12.62 -6.39
N VAL B 17 -13.69 12.77 -6.40
CA VAL B 17 -14.43 13.16 -7.60
C VAL B 17 -15.62 14.03 -7.20
N LEU B 18 -15.67 15.25 -7.73
CA LEU B 18 -16.75 16.19 -7.42
C LEU B 18 -17.12 16.96 -8.67
N PHE B 19 -18.33 17.52 -8.70
CA PHE B 19 -18.64 18.46 -9.78
C PHE B 19 -17.92 19.77 -9.49
N LYS B 20 -17.15 20.23 -10.47
CA LYS B 20 -16.46 21.51 -10.37
C LYS B 20 -17.50 22.64 -10.35
N LYS B 21 -17.21 23.69 -9.60
CA LYS B 21 -18.13 24.82 -9.51
C LYS B 21 -17.75 25.91 -10.50
N SER B 22 -18.76 26.44 -11.20
CA SER B 22 -18.54 27.54 -12.14
C SER B 22 -19.80 28.39 -12.24
N ASP B 23 -19.65 29.67 -12.55
CA ASP B 23 -20.80 30.54 -12.74
C ASP B 23 -21.48 30.28 -14.08
N LYS B 24 -20.75 29.60 -14.96
CA LYS B 24 -21.23 29.28 -16.30
C LYS B 24 -21.34 27.78 -16.45
N PRO B 25 -22.15 27.31 -17.42
CA PRO B 25 -22.26 25.87 -17.63
C PRO B 25 -20.92 25.21 -17.97
N LEU B 26 -20.74 23.98 -17.53
CA LEU B 26 -19.54 23.21 -17.85
C LEU B 26 -19.91 21.97 -18.65
N TYR B 27 -18.98 21.50 -19.48
CA TYR B 27 -19.23 20.36 -20.35
C TYR B 27 -18.09 19.34 -20.33
N GLY B 28 -18.39 18.12 -20.76
CA GLY B 28 -17.35 17.10 -20.91
C GLY B 28 -16.53 16.86 -19.65
N ASN B 29 -15.25 16.59 -19.82
CA ASN B 29 -14.40 16.24 -18.67
C ASN B 29 -14.24 17.42 -17.71
N ASP B 30 -14.52 18.62 -18.23
CA ASP B 30 -14.34 19.86 -17.50
C ASP B 30 -15.36 20.01 -16.35
N ARG B 31 -16.42 19.21 -16.37
CA ARG B 31 -17.41 19.21 -15.30
C ARG B 31 -16.87 18.63 -13.98
N PHE B 32 -15.76 17.89 -14.07
CA PHE B 32 -15.27 17.18 -12.90
C PHE B 32 -13.98 17.75 -12.33
N GLU B 33 -13.77 17.56 -11.03
CA GLU B 33 -12.48 17.82 -10.43
C GLU B 33 -12.27 16.89 -9.23
N GLY B 34 -11.05 16.85 -8.73
CA GLY B 34 -10.77 16.07 -7.52
C GLY B 34 -9.49 15.27 -7.65
N TYR B 35 -9.09 14.59 -6.57
CA TYR B 35 -7.85 13.82 -6.57
C TYR B 35 -7.79 12.83 -7.72
N CYS B 36 -8.88 12.10 -7.93
CA CYS B 36 -8.89 11.06 -8.94
C CYS B 36 -8.93 11.64 -10.35
N ILE B 37 -9.45 12.85 -10.48
CA ILE B 37 -9.52 13.52 -11.78
C ILE B 37 -8.14 14.05 -12.17
N ASP B 38 -7.41 14.59 -11.20
CA ASP B 38 -6.00 14.95 -11.39
C ASP B 38 -5.16 13.71 -11.76
N LEU B 39 -5.39 12.61 -11.05
CA LEU B 39 -4.70 11.37 -11.34
C LEU B 39 -4.92 10.92 -12.79
N LEU B 40 -6.17 10.88 -13.21
CA LEU B 40 -6.52 10.47 -14.56
C LEU B 40 -5.81 11.34 -15.59
N ARG B 41 -5.83 12.65 -15.38
CA ARG B 41 -5.15 13.57 -16.27
C ARG B 41 -3.64 13.26 -16.34
N GLU B 42 -3.01 13.02 -15.20
CA GLU B 42 -1.58 12.67 -15.18
C GLU B 42 -1.31 11.36 -15.90
N LEU B 43 -2.16 10.36 -15.68
CA LEU B 43 -2.02 9.09 -16.39
C LEU B 43 -2.11 9.28 -17.89
N SER B 44 -3.04 10.13 -18.33
CA SER B 44 -3.23 10.35 -19.76
C SER B 44 -2.01 11.02 -20.40
N THR B 45 -1.34 11.87 -19.63
CA THR B 45 -0.14 12.57 -20.08
C THR B 45 1.03 11.60 -20.24
N ILE B 46 1.13 10.65 -19.32
CA ILE B 46 2.23 9.69 -19.35
C ILE B 46 2.03 8.61 -20.43
N LEU B 47 0.79 8.14 -20.54
CA LEU B 47 0.50 7.00 -21.42
C LEU B 47 0.02 7.43 -22.80
N GLY B 48 -0.40 8.69 -22.93
CA GLY B 48 -0.76 9.24 -24.21
C GLY B 48 -2.11 8.80 -24.74
N PHE B 49 -3.10 8.68 -23.87
CA PHE B 49 -4.45 8.36 -24.33
C PHE B 49 -5.39 9.55 -24.16
N THR B 50 -6.49 9.55 -24.91
CA THR B 50 -7.57 10.50 -24.65
C THR B 50 -8.67 9.71 -23.97
N TYR B 51 -9.61 10.42 -23.34
CA TYR B 51 -10.60 9.76 -22.50
C TYR B 51 -11.88 10.58 -22.34
N GLU B 52 -12.95 9.88 -21.97
CA GLU B 52 -14.22 10.51 -21.65
C GLU B 52 -14.72 9.97 -20.32
N ILE B 53 -14.91 10.86 -19.35
CA ILE B 53 -15.37 10.49 -18.02
C ILE B 53 -16.89 10.30 -18.01
N ARG B 54 -17.36 9.21 -17.42
CA ARG B 54 -18.78 8.95 -17.29
C ARG B 54 -19.08 8.45 -15.89
N LEU B 55 -19.99 9.10 -15.18
CA LEU B 55 -20.44 8.62 -13.88
C LEU B 55 -21.20 7.31 -14.02
N VAL B 56 -20.85 6.32 -13.20
CA VAL B 56 -21.54 5.02 -13.24
C VAL B 56 -23.04 5.19 -12.98
N GLU B 57 -23.87 4.65 -13.86
CA GLU B 57 -25.32 4.88 -13.82
C GLU B 57 -26.01 4.49 -12.51
N ASP B 58 -25.69 3.32 -11.98
CA ASP B 58 -26.39 2.86 -10.78
C ASP B 58 -25.81 3.49 -9.50
N GLY B 59 -24.71 4.24 -9.66
CA GLY B 59 -24.12 4.96 -8.56
C GLY B 59 -23.53 4.05 -7.49
N LYS B 60 -23.09 2.86 -7.90
CA LYS B 60 -22.52 1.91 -6.94
C LYS B 60 -21.07 1.56 -7.26
N TYR B 61 -20.35 1.14 -6.22
CA TYR B 61 -18.96 0.73 -6.40
C TYR B 61 -18.89 -0.64 -7.09
N GLY B 62 -19.52 -1.64 -6.48
CA GLY B 62 -19.63 -2.94 -7.10
C GLY B 62 -19.58 -4.07 -6.11
N ALA B 63 -20.64 -4.87 -6.08
CA ALA B 63 -20.68 -6.07 -5.24
C ALA B 63 -21.44 -7.15 -5.99
N GLN B 64 -21.26 -8.40 -5.58
CA GLN B 64 -21.96 -9.50 -6.24
C GLN B 64 -23.20 -9.93 -5.45
N ASP B 65 -24.33 -10.02 -6.13
CA ASP B 65 -25.56 -10.45 -5.50
C ASP B 65 -25.47 -11.93 -5.13
N ASP B 66 -25.76 -12.24 -3.88
CA ASP B 66 -25.58 -13.61 -3.40
C ASP B 66 -26.59 -14.62 -3.97
N VAL B 67 -27.71 -14.11 -4.49
CA VAL B 67 -28.74 -14.97 -5.07
C VAL B 67 -28.46 -15.31 -6.54
N ASN B 68 -28.32 -14.28 -7.37
CA ASN B 68 -28.19 -14.49 -8.82
C ASN B 68 -26.77 -14.32 -9.38
N GLY B 69 -25.83 -13.94 -8.53
CA GLY B 69 -24.43 -13.88 -8.92
C GLY B 69 -24.07 -12.70 -9.80
N GLN B 70 -25.04 -11.84 -10.07
CA GLN B 70 -24.81 -10.65 -10.90
C GLN B 70 -23.97 -9.61 -10.14
N TRP B 71 -23.05 -8.96 -10.84
CA TRP B 71 -22.31 -7.83 -10.25
C TRP B 71 -23.04 -6.53 -10.55
N ASN B 72 -22.73 -5.48 -9.81
CA ASN B 72 -23.25 -4.15 -10.11
C ASN B 72 -22.17 -3.09 -10.05
N GLY B 73 -22.55 -1.82 -10.12
CA GLY B 73 -21.62 -0.72 -9.96
C GLY B 73 -20.53 -0.61 -11.02
N MET B 74 -19.41 0.00 -10.64
CA MET B 74 -18.30 0.15 -11.58
C MET B 74 -17.71 -1.20 -11.97
N VAL B 75 -17.74 -2.17 -11.06
CA VAL B 75 -17.19 -3.49 -11.35
C VAL B 75 -17.92 -4.14 -12.53
N ARG B 76 -19.25 -4.04 -12.51
CA ARG B 76 -20.04 -4.60 -13.60
C ARG B 76 -19.74 -3.92 -14.93
N GLU B 77 -19.60 -2.59 -14.91
CA GLU B 77 -19.24 -1.86 -16.14
C GLU B 77 -17.99 -2.43 -16.78
N LEU B 78 -16.99 -2.74 -15.95
CA LEU B 78 -15.73 -3.30 -16.45
C LEU B 78 -15.93 -4.71 -16.97
N ILE B 79 -16.58 -5.55 -16.18
CA ILE B 79 -16.81 -6.93 -16.62
C ILE B 79 -17.46 -6.94 -18.00
N ASP B 80 -18.50 -6.13 -18.16
CA ASP B 80 -19.24 -6.07 -19.42
C ASP B 80 -18.55 -5.27 -20.52
N HIS B 81 -17.36 -4.76 -20.23
CA HIS B 81 -16.62 -3.97 -21.22
C HIS B 81 -17.36 -2.70 -21.64
N LYS B 82 -18.13 -2.14 -20.72
CA LYS B 82 -18.80 -0.87 -20.96
C LYS B 82 -17.84 0.30 -20.69
N ALA B 83 -16.77 0.03 -19.95
CA ALA B 83 -15.75 1.05 -19.68
C ALA B 83 -14.37 0.42 -19.86
N ASP B 84 -13.38 1.24 -20.20
CA ASP B 84 -12.02 0.76 -20.33
C ASP B 84 -11.29 0.89 -19.00
N LEU B 85 -11.58 1.95 -18.26
CA LEU B 85 -10.97 2.16 -16.95
C LEU B 85 -12.02 2.53 -15.91
N ALA B 86 -11.76 2.15 -14.67
CA ALA B 86 -12.46 2.75 -13.54
C ALA B 86 -11.44 3.53 -12.72
N VAL B 87 -11.59 4.85 -12.69
CA VAL B 87 -10.69 5.70 -11.93
C VAL B 87 -11.49 6.34 -10.80
N ALA B 88 -11.29 5.81 -9.59
CA ALA B 88 -12.13 6.16 -8.45
C ALA B 88 -11.49 5.56 -7.19
N PRO B 89 -12.01 5.91 -5.99
CA PRO B 89 -11.50 5.25 -4.78
C PRO B 89 -12.02 3.81 -4.68
N LEU B 90 -11.54 2.96 -5.58
CA LEU B 90 -12.05 1.60 -5.73
C LEU B 90 -11.09 0.62 -5.05
N ALA B 91 -11.57 -0.02 -4.00
CA ALA B 91 -10.71 -0.92 -3.23
C ALA B 91 -10.39 -2.20 -3.99
N ILE B 92 -9.11 -2.54 -4.00
CA ILE B 92 -8.62 -3.81 -4.50
C ILE B 92 -8.92 -4.91 -3.48
N THR B 93 -9.79 -5.84 -3.84
CA THR B 93 -10.20 -6.91 -2.94
C THR B 93 -10.11 -8.28 -3.61
N TYR B 94 -10.06 -9.32 -2.80
CA TYR B 94 -9.95 -10.69 -3.29
C TYR B 94 -11.07 -11.02 -4.29
N VAL B 95 -12.32 -10.81 -3.90
CA VAL B 95 -13.42 -11.17 -4.80
C VAL B 95 -13.46 -10.34 -6.09
N ARG B 96 -13.08 -9.07 -6.01
CA ARG B 96 -13.03 -8.23 -7.22
C ARG B 96 -11.91 -8.65 -8.17
N GLU B 97 -10.75 -8.97 -7.57
CA GLU B 97 -9.57 -9.35 -8.33
C GLU B 97 -9.84 -10.66 -9.07
N LYS B 98 -10.84 -11.42 -8.66
CA LYS B 98 -11.15 -12.64 -9.39
C LYS B 98 -11.95 -12.37 -10.68
N VAL B 99 -12.49 -11.16 -10.83
CA VAL B 99 -13.37 -10.88 -11.97
C VAL B 99 -12.95 -9.73 -12.89
N ILE B 100 -12.14 -8.82 -12.35
CA ILE B 100 -11.57 -7.70 -13.12
C ILE B 100 -10.10 -7.59 -12.73
N ASP B 101 -9.35 -6.72 -13.39
CA ASP B 101 -7.95 -6.48 -13.02
C ASP B 101 -7.77 -5.10 -12.39
N PHE B 102 -6.60 -4.88 -11.79
CA PHE B 102 -6.30 -3.63 -11.09
C PHE B 102 -4.86 -3.25 -11.30
N SER B 103 -4.59 -1.95 -11.45
CA SER B 103 -3.24 -1.44 -11.32
C SER B 103 -2.84 -1.69 -9.88
N LYS B 104 -1.54 -1.59 -9.58
CA LYS B 104 -1.10 -1.56 -8.20
C LYS B 104 -1.60 -0.26 -7.55
N PRO B 105 -1.63 -0.22 -6.22
CA PRO B 105 -2.29 0.86 -5.45
C PRO B 105 -1.69 2.25 -5.65
N PHE B 106 -2.56 3.25 -5.78
CA PHE B 106 -2.12 4.65 -5.75
C PHE B 106 -2.39 5.29 -4.39
N MET B 107 -3.08 4.54 -3.52
CA MET B 107 -3.31 4.97 -2.16
C MET B 107 -3.55 3.72 -1.30
N THR B 108 -3.10 3.76 -0.07
CA THR B 108 -3.28 2.63 0.86
C THR B 108 -4.07 3.11 2.06
N LEU B 109 -4.92 2.24 2.62
CA LEU B 109 -5.89 2.67 3.61
C LEU B 109 -6.40 1.47 4.40
N GLY B 110 -7.40 1.71 5.23
CA GLY B 110 -8.05 0.60 5.93
C GLY B 110 -9.41 1.01 6.47
N ILE B 111 -10.24 0.03 6.81
CA ILE B 111 -11.53 0.33 7.43
C ILE B 111 -11.30 0.86 8.83
N SER B 112 -12.04 1.89 9.20
CA SER B 112 -12.01 2.35 10.58
C SER B 112 -13.37 2.90 10.97
N ILE B 113 -13.43 3.65 12.06
CA ILE B 113 -14.70 4.14 12.59
C ILE B 113 -14.74 5.66 12.65
N LEU B 114 -15.81 6.26 12.11
CA LEU B 114 -16.03 7.70 12.22
C LEU B 114 -17.11 7.95 13.27
N TYR B 115 -16.81 8.76 14.27
CA TYR B 115 -17.78 9.03 15.33
C TYR B 115 -17.43 10.39 15.92
N ARG B 116 -18.03 10.72 17.06
CA ARG B 116 -17.78 12.01 17.70
C ARG B 116 -16.64 11.93 18.72
N LYS B 117 -16.08 13.08 19.06
CA LYS B 117 -15.05 13.16 20.09
C LYS B 117 -15.67 13.18 21.48
N GLY B 118 -14.89 12.78 22.48
CA GLY B 118 -15.28 12.94 23.86
C GLY B 118 -16.24 11.88 24.38
N THR B 119 -16.31 10.74 23.70
CA THR B 119 -17.20 9.66 24.11
C THR B 119 -16.41 8.50 24.73
N PRO B 120 -17.10 7.55 25.37
CA PRO B 120 -16.44 6.37 25.95
C PRO B 120 -16.15 5.27 24.92
N ILE B 121 -16.54 5.47 23.67
CA ILE B 121 -16.30 4.48 22.61
C ILE B 121 -14.86 4.60 22.09
N ASP B 122 -14.11 3.51 22.16
CA ASP B 122 -12.70 3.55 21.80
C ASP B 122 -12.32 2.46 20.79
N SER B 123 -13.27 1.62 20.41
CA SER B 123 -12.95 0.53 19.50
C SER B 123 -14.19 -0.11 18.90
N ALA B 124 -13.98 -0.93 17.87
CA ALA B 124 -15.05 -1.72 17.26
C ALA B 124 -15.73 -2.62 18.30
N ASP B 125 -14.93 -3.18 19.20
CA ASP B 125 -15.46 -4.06 20.23
C ASP B 125 -16.45 -3.32 21.13
N ASP B 126 -16.13 -2.08 21.48
CA ASP B 126 -17.04 -1.24 22.24
C ASP B 126 -18.39 -1.06 21.54
N LEU B 127 -18.37 -0.94 20.21
CA LEU B 127 -19.63 -0.81 19.48
C LEU B 127 -20.40 -2.12 19.48
N ALA B 128 -19.68 -3.22 19.31
CA ALA B 128 -20.29 -4.52 19.13
C ALA B 128 -21.00 -4.97 20.40
N LYS B 129 -20.52 -4.52 21.55
CA LYS B 129 -21.06 -4.97 22.83
C LYS B 129 -22.26 -4.17 23.31
N GLN B 130 -22.74 -3.24 22.48
CA GLN B 130 -23.87 -2.44 22.89
C GLN B 130 -24.82 -2.25 21.71
N THR B 131 -25.99 -1.69 21.96
CA THR B 131 -26.97 -1.47 20.89
C THR B 131 -27.57 -0.06 20.89
N LYS B 132 -27.30 0.72 21.92
CA LYS B 132 -27.84 2.07 22.03
C LYS B 132 -27.36 2.99 20.90
N ILE B 133 -26.07 2.92 20.61
CA ILE B 133 -25.48 3.70 19.53
C ILE B 133 -25.50 2.86 18.26
N GLU B 134 -26.26 3.29 17.27
CA GLU B 134 -26.31 2.54 16.01
C GLU B 134 -25.04 2.72 15.18
N TYR B 135 -24.77 1.75 14.31
CA TYR B 135 -23.61 1.83 13.43
C TYR B 135 -23.90 1.10 12.12
N GLY B 136 -23.22 1.50 11.04
CA GLY B 136 -23.48 0.90 9.75
C GLY B 136 -22.38 1.25 8.77
N ALA B 137 -22.63 0.97 7.50
CA ALA B 137 -21.66 1.16 6.44
C ALA B 137 -22.38 1.47 5.14
N VAL B 138 -21.61 1.83 4.11
CA VAL B 138 -22.16 2.00 2.77
C VAL B 138 -22.64 0.65 2.24
N GLU B 139 -23.85 0.62 1.69
CA GLU B 139 -24.37 -0.63 1.12
C GLU B 139 -23.64 -0.97 -0.19
N ASP B 140 -23.32 -2.24 -0.37
CA ASP B 140 -22.73 -2.73 -1.63
C ASP B 140 -21.30 -2.22 -1.92
N GLY B 141 -20.51 -2.03 -0.87
CA GLY B 141 -19.12 -1.63 -1.02
C GLY B 141 -18.17 -2.59 -0.34
N ALA B 142 -16.89 -2.30 -0.40
CA ALA B 142 -15.88 -3.19 0.17
C ALA B 142 -16.01 -3.31 1.70
N THR B 143 -16.41 -2.23 2.36
CA THR B 143 -16.52 -2.23 3.81
C THR B 143 -17.62 -3.20 4.26
N MET B 144 -18.78 -3.09 3.63
CA MET B 144 -19.90 -3.97 3.93
C MET B 144 -19.52 -5.43 3.67
N THR B 145 -18.85 -5.65 2.54
CA THR B 145 -18.46 -7.01 2.18
C THR B 145 -17.50 -7.62 3.20
N PHE B 146 -16.60 -6.80 3.73
CA PHE B 146 -15.68 -7.26 4.74
C PHE B 146 -16.42 -7.81 5.96
N PHE B 147 -17.42 -7.09 6.43
CA PHE B 147 -18.17 -7.54 7.60
C PHE B 147 -19.03 -8.76 7.31
N LYS B 148 -19.64 -8.76 6.13
CA LYS B 148 -20.52 -9.85 5.72
C LYS B 148 -19.77 -11.18 5.67
N LYS B 149 -18.49 -11.14 5.29
CA LYS B 149 -17.70 -12.35 5.08
C LYS B 149 -16.78 -12.71 6.26
N SER B 150 -16.61 -11.78 7.19
CA SER B 150 -15.66 -11.99 8.29
C SER B 150 -16.01 -13.14 9.22
N LYS B 151 -14.97 -13.87 9.64
CA LYS B 151 -15.12 -14.95 10.60
C LYS B 151 -14.60 -14.54 11.98
N ILE B 152 -14.19 -13.28 12.11
CA ILE B 152 -13.80 -12.74 13.40
C ILE B 152 -15.03 -12.41 14.23
N SER B 153 -15.03 -12.86 15.49
CA SER B 153 -16.20 -12.76 16.34
C SER B 153 -16.78 -11.35 16.46
N THR B 154 -15.94 -10.38 16.76
CA THR B 154 -16.39 -9.01 16.91
C THR B 154 -17.09 -8.51 15.64
N TYR B 155 -16.45 -8.73 14.50
CA TYR B 155 -17.00 -8.27 13.23
C TYR B 155 -18.20 -9.10 12.79
N ASP B 156 -18.21 -10.37 13.16
CA ASP B 156 -19.33 -11.23 12.83
C ASP B 156 -20.54 -10.74 13.61
N LYS B 157 -20.31 -10.43 14.89
CA LYS B 157 -21.29 -9.80 15.75
C LYS B 157 -21.82 -8.50 15.13
N MET B 158 -20.91 -7.65 14.69
CA MET B 158 -21.32 -6.36 14.09
C MET B 158 -22.14 -6.57 12.83
N TRP B 159 -21.79 -7.57 12.04
CA TRP B 159 -22.58 -7.87 10.84
C TRP B 159 -23.99 -8.36 11.21
N ALA B 160 -24.09 -9.20 12.22
CA ALA B 160 -25.42 -9.63 12.68
C ALA B 160 -26.27 -8.41 13.04
N PHE B 161 -25.69 -7.50 13.79
CA PHE B 161 -26.39 -6.27 14.14
C PHE B 161 -26.84 -5.47 12.91
N MET B 162 -25.90 -5.17 12.03
CA MET B 162 -26.20 -4.35 10.85
C MET B 162 -27.19 -5.04 9.94
N SER B 163 -26.99 -6.31 9.66
CA SER B 163 -27.85 -7.00 8.71
C SER B 163 -29.26 -7.17 9.24
N SER B 164 -29.42 -7.22 10.55
CA SER B 164 -30.74 -7.33 11.15
C SER B 164 -31.47 -5.98 11.11
N ARG B 165 -30.72 -4.92 10.81
CA ARG B 165 -31.28 -3.58 10.67
C ARG B 165 -30.85 -2.94 9.35
N ARG B 166 -30.66 -3.76 8.32
CA ARG B 166 -30.17 -3.27 7.02
C ARG B 166 -30.81 -1.93 6.64
N GLN B 167 -32.14 -1.89 6.66
CA GLN B 167 -32.90 -0.74 6.21
C GLN B 167 -32.49 0.53 6.95
N SER B 168 -32.26 0.42 8.26
CA SER B 168 -32.02 1.59 9.09
C SER B 168 -30.55 2.03 9.24
N VAL B 169 -29.60 1.10 9.19
CA VAL B 169 -28.21 1.47 9.46
C VAL B 169 -27.28 1.49 8.24
N LEU B 170 -27.64 0.76 7.18
CA LEU B 170 -26.83 0.80 5.97
C LEU B 170 -27.24 2.00 5.12
N VAL B 171 -26.27 2.68 4.52
CA VAL B 171 -26.58 3.87 3.75
C VAL B 171 -26.09 3.74 2.32
N LYS B 172 -26.59 4.62 1.45
CA LYS B 172 -26.31 4.50 0.03
C LYS B 172 -25.00 5.16 -0.37
N SER B 173 -24.47 6.03 0.49
CA SER B 173 -23.26 6.75 0.14
C SER B 173 -22.51 7.18 1.41
N ASN B 174 -21.22 7.44 1.28
CA ASN B 174 -20.44 7.98 2.39
C ASN B 174 -21.05 9.27 2.91
N GLU B 175 -21.46 10.14 1.98
CA GLU B 175 -22.06 11.41 2.36
C GLU B 175 -23.27 11.21 3.27
N GLU B 176 -24.08 10.19 2.95
CA GLU B 176 -25.26 9.90 3.77
C GLU B 176 -24.85 9.42 5.16
N GLY B 177 -23.77 8.64 5.23
CA GLY B 177 -23.27 8.14 6.51
C GLY B 177 -22.73 9.24 7.38
N ILE B 178 -21.93 10.10 6.77
CA ILE B 178 -21.37 11.25 7.46
C ILE B 178 -22.48 12.13 8.03
N GLN B 179 -23.54 12.33 7.27
CA GLN B 179 -24.67 13.10 7.77
C GLN B 179 -25.36 12.43 8.96
N ARG B 180 -25.47 11.10 8.93
CA ARG B 180 -26.05 10.38 10.06
C ARG B 180 -25.22 10.62 11.32
N VAL B 181 -23.89 10.58 11.17
CA VAL B 181 -23.03 10.81 12.34
C VAL B 181 -23.22 12.22 12.88
N LEU B 182 -23.53 13.17 12.00
CA LEU B 182 -23.61 14.58 12.39
C LEU B 182 -24.93 14.95 13.04
N THR B 183 -25.98 14.18 12.76
CA THR B 183 -27.32 14.56 13.18
C THR B 183 -28.02 13.54 14.07
N SER B 184 -27.33 12.45 14.39
CA SER B 184 -27.90 11.44 15.28
C SER B 184 -26.80 10.75 16.06
N ASP B 185 -27.16 9.83 16.95
CA ASP B 185 -26.15 9.09 17.68
C ASP B 185 -25.77 7.84 16.91
N TYR B 186 -24.81 8.01 16.00
CA TYR B 186 -24.50 6.98 15.01
C TYR B 186 -23.00 6.98 14.76
N ALA B 187 -22.42 5.79 14.65
CA ALA B 187 -21.01 5.65 14.26
C ALA B 187 -20.96 4.98 12.89
N PHE B 188 -20.05 5.43 12.04
CA PHE B 188 -20.04 4.98 10.65
C PHE B 188 -18.75 4.24 10.34
N LEU B 189 -18.86 3.01 9.86
CA LEU B 189 -17.69 2.25 9.42
C LEU B 189 -17.34 2.65 7.98
N MET B 190 -16.13 3.17 7.79
CA MET B 190 -15.74 3.70 6.49
C MET B 190 -14.22 3.72 6.36
N GLU B 191 -13.74 4.09 5.18
CA GLU B 191 -12.33 3.97 4.87
C GLU B 191 -11.53 5.13 5.43
N SER B 192 -10.30 4.85 5.87
CA SER B 192 -9.51 5.78 6.67
C SER B 192 -9.12 7.06 5.94
N THR B 193 -8.80 6.91 4.65
CA THR B 193 -8.48 8.04 3.78
C THR B 193 -9.58 9.07 3.76
N THR B 194 -10.81 8.58 3.61
CA THR B 194 -11.99 9.43 3.58
C THR B 194 -12.31 10.01 4.96
N ILE B 195 -12.06 9.24 6.01
CA ILE B 195 -12.21 9.76 7.37
C ILE B 195 -11.30 10.98 7.59
N GLU B 196 -10.07 10.88 7.11
CA GLU B 196 -9.11 11.97 7.24
C GLU B 196 -9.63 13.27 6.60
N PHE B 197 -10.31 13.14 5.46
CA PHE B 197 -10.91 14.31 4.80
C PHE B 197 -12.00 14.92 5.68
N VAL B 198 -12.90 14.08 6.18
CA VAL B 198 -14.01 14.51 7.04
C VAL B 198 -13.55 15.19 8.33
N THR B 199 -12.56 14.60 9.00
CA THR B 199 -12.15 15.11 10.31
C THR B 199 -11.36 16.40 10.24
N GLN B 200 -10.82 16.71 9.07
CA GLN B 200 -10.14 17.99 8.87
C GLN B 200 -11.15 19.12 8.63
N ARG B 201 -12.39 18.74 8.36
CA ARG B 201 -13.47 19.69 8.11
C ARG B 201 -14.52 19.72 9.21
N ASN B 202 -14.68 18.62 9.93
CA ASN B 202 -15.65 18.56 11.02
C ASN B 202 -14.94 18.31 12.34
N CYS B 203 -14.66 19.37 13.09
CA CYS B 203 -13.75 19.32 14.21
C CYS B 203 -14.28 18.56 15.42
N ASN B 204 -15.58 18.30 15.42
CA ASN B 204 -16.19 17.50 16.48
C ASN B 204 -16.14 16.00 16.18
N LEU B 205 -15.66 15.65 14.99
CA LEU B 205 -15.57 14.24 14.63
C LEU B 205 -14.14 13.70 14.64
N THR B 206 -14.00 12.39 14.80
CA THR B 206 -12.68 11.78 14.91
C THR B 206 -12.73 10.31 14.48
N GLN B 207 -11.58 9.78 14.12
CA GLN B 207 -11.49 8.34 13.88
C GLN B 207 -11.42 7.68 15.24
N ILE B 208 -12.13 6.57 15.40
CA ILE B 208 -12.10 5.82 16.64
C ILE B 208 -11.36 4.51 16.42
N GLY B 209 -10.36 4.25 17.25
CA GLY B 209 -9.57 3.04 17.16
C GLY B 209 -8.64 3.13 15.98
N GLY B 210 -7.99 2.03 15.63
CA GLY B 210 -7.09 2.07 14.50
C GLY B 210 -7.74 1.51 13.26
N LEU B 211 -6.90 1.07 12.32
CA LEU B 211 -7.35 0.40 11.12
C LEU B 211 -7.72 -1.06 11.43
N ILE B 212 -8.90 -1.46 10.96
CA ILE B 212 -9.41 -2.82 11.14
C ILE B 212 -8.80 -3.77 10.11
N ASP B 213 -8.49 -3.24 8.92
CA ASP B 213 -7.77 -4.01 7.90
C ASP B 213 -6.83 -3.14 7.10
N SER B 214 -6.31 -3.68 6.00
CA SER B 214 -5.45 -2.91 5.12
C SER B 214 -5.76 -3.23 3.67
N LYS B 215 -5.81 -2.20 2.82
CA LYS B 215 -6.10 -2.39 1.41
C LYS B 215 -5.68 -1.17 0.61
N GLY B 216 -5.64 -1.32 -0.71
CA GLY B 216 -5.24 -0.23 -1.58
C GLY B 216 -6.37 0.15 -2.53
N TYR B 217 -6.36 1.38 -3.02
CA TYR B 217 -7.20 1.77 -4.15
C TYR B 217 -6.38 1.57 -5.40
N GLY B 218 -6.97 0.92 -6.40
CA GLY B 218 -6.33 0.74 -7.70
C GLY B 218 -7.24 1.16 -8.84
N VAL B 219 -6.64 1.50 -9.98
CA VAL B 219 -7.42 1.71 -11.20
C VAL B 219 -7.93 0.36 -11.72
N GLY B 220 -9.24 0.25 -11.93
CA GLY B 220 -9.81 -0.99 -12.41
C GLY B 220 -9.83 -1.09 -13.92
N THR B 221 -9.67 -2.31 -14.44
CA THR B 221 -9.74 -2.55 -15.88
C THR B 221 -10.46 -3.89 -16.08
N PRO B 222 -11.02 -4.11 -17.27
CA PRO B 222 -11.54 -5.45 -17.54
C PRO B 222 -10.40 -6.45 -17.37
N MET B 223 -10.71 -7.69 -17.00
CA MET B 223 -9.69 -8.70 -16.82
C MET B 223 -8.93 -8.95 -18.12
N GLY B 224 -7.61 -9.06 -18.03
CA GLY B 224 -6.78 -9.25 -19.23
C GLY B 224 -6.43 -7.97 -19.97
N SER B 225 -6.94 -6.83 -19.51
CA SER B 225 -6.60 -5.58 -20.16
C SER B 225 -5.12 -5.26 -20.03
N PRO B 226 -4.49 -4.84 -21.14
CA PRO B 226 -3.09 -4.43 -21.07
C PRO B 226 -2.90 -3.11 -20.34
N TYR B 227 -3.98 -2.35 -20.10
CA TYR B 227 -3.82 -1.08 -19.37
C TYR B 227 -3.47 -1.21 -17.88
N ALA B 228 -3.79 -2.35 -17.29
CA ALA B 228 -3.52 -2.56 -15.87
C ALA B 228 -2.04 -2.41 -15.54
N ASP B 229 -1.20 -3.14 -16.26
CA ASP B 229 0.26 -3.07 -16.06
C ASP B 229 0.88 -1.72 -16.49
N LYS B 230 0.34 -1.12 -17.55
CA LYS B 230 0.85 0.18 -18.00
C LYS B 230 0.53 1.25 -16.96
N ILE B 231 -0.66 1.19 -16.38
CA ILE B 231 -1.05 2.19 -15.40
C ILE B 231 -0.26 1.99 -14.10
N THR B 232 0.05 0.75 -13.77
CA THR B 232 0.90 0.47 -12.61
C THR B 232 2.24 1.23 -12.78
N ILE B 233 2.82 1.12 -13.95
CA ILE B 233 4.11 1.77 -14.21
C ILE B 233 4.01 3.30 -14.10
N ALA B 234 2.93 3.87 -14.64
CA ALA B 234 2.69 5.31 -14.56
C ALA B 234 2.48 5.80 -13.13
N ILE B 235 1.69 5.07 -12.36
CA ILE B 235 1.50 5.33 -10.92
C ILE B 235 2.84 5.33 -10.17
N LEU B 236 3.68 4.34 -10.44
CA LEU B 236 4.98 4.24 -9.76
C LEU B 236 5.84 5.46 -10.09
N GLN B 237 5.78 5.92 -11.33
CA GLN B 237 6.51 7.12 -11.70
C GLN B 237 5.95 8.33 -10.96
N LEU B 238 4.63 8.45 -10.90
CA LEU B 238 3.99 9.59 -10.25
C LEU B 238 4.26 9.61 -8.76
N GLN B 239 4.25 8.44 -8.14
CA GLN B 239 4.57 8.33 -6.72
C GLN B 239 6.03 8.75 -6.51
N GLU B 240 6.93 8.19 -7.30
CA GLU B 240 8.35 8.43 -7.08
C GLU B 240 8.78 9.88 -7.33
N GLU B 241 8.04 10.60 -8.19
CA GLU B 241 8.33 12.01 -8.46
C GLU B 241 7.75 12.95 -7.42
N GLY B 242 6.97 12.41 -6.49
CA GLY B 242 6.32 13.20 -5.47
C GLY B 242 4.96 13.76 -5.88
N LYS B 243 4.44 13.36 -7.03
CA LYS B 243 3.21 13.97 -7.58
C LYS B 243 1.98 13.53 -6.81
N LEU B 244 1.88 12.24 -6.52
CA LEU B 244 0.72 11.73 -5.79
C LEU B 244 0.63 12.37 -4.42
N HIS B 245 1.78 12.60 -3.79
CA HIS B 245 1.80 13.22 -2.49
C HIS B 245 1.31 14.67 -2.58
N MET B 246 1.74 15.38 -3.61
CA MET B 246 1.27 16.75 -3.79
C MET B 246 -0.23 16.80 -4.06
N MET B 247 -0.72 15.84 -4.83
CA MET B 247 -2.15 15.77 -5.12
C MET B 247 -2.94 15.52 -3.85
N LYS B 248 -2.46 14.62 -3.00
CA LYS B 248 -3.11 14.37 -1.71
C LYS B 248 -3.19 15.64 -0.88
N GLU B 249 -2.06 16.34 -0.75
CA GLU B 249 -2.01 17.58 0.03
C GLU B 249 -3.04 18.60 -0.47
N LYS B 250 -3.12 18.73 -1.79
CA LYS B 250 -4.04 19.69 -2.41
C LYS B 250 -5.50 19.40 -2.08
N TRP B 251 -5.89 18.14 -2.13
CA TRP B 251 -7.30 17.77 -1.94
C TRP B 251 -7.72 17.47 -0.49
N TRP B 252 -6.75 17.15 0.37
CA TRP B 252 -7.03 16.88 1.80
C TRP B 252 -6.76 18.05 2.74
N CYS B 257 -8.86 22.15 11.31
CA CYS B 257 -9.12 21.76 12.70
C CYS B 257 -7.83 21.68 13.50
N GLU C . 14.17 -3.07 0.51
CA GLU C . 15.12 -2.30 -0.32
C GLU C . 15.10 -2.77 -1.78
O GLU C . 14.15 -3.45 -2.20
CB GLU C . 16.52 -2.38 0.25
CG GLU C . 16.71 -1.52 1.50
CD GLU C . 16.74 -0.03 1.20
OE1 GLU C . 17.01 0.36 0.04
OE2 GLU C . 16.55 0.77 2.15
OXT GLU C . 16.02 -2.44 -2.56
NA NA D . 6.77 -5.83 -14.86
N GLU E . -14.31 2.36 -1.61
CA GLU E . -15.29 1.32 -1.29
C GLU E . -15.36 0.26 -2.38
O GLU E . -14.48 0.18 -3.25
CB GLU E . -16.67 1.92 -1.03
CG GLU E . -16.78 2.64 0.29
CD GLU E . -16.79 1.69 1.47
OE1 GLU E . -17.09 0.49 1.26
OE2 GLU E . -16.50 2.13 2.61
OXT GLU E . -16.33 -0.52 -2.40
NA NA F . -8.01 -9.99 -11.84
#